data_1HKI
#
_entry.id   1HKI
#
_cell.length_a   94.142
_cell.length_b   94.142
_cell.length_c   88.425
_cell.angle_alpha   90.00
_cell.angle_beta   90.00
_cell.angle_gamma   90.00
#
_symmetry.space_group_name_H-M   'P 43 21 2'
#
loop_
_entity.id
_entity.type
_entity.pdbx_description
1 polymer CHITOTRIOSIDASE
2 branched 2-acetamido-2-deoxy-6-O-methyl-alpha-D-allopyranose-(1-4)-2-acetamido-2-deoxy-beta-D-glucopyranose
3 non-polymer 'METHYL N-ACETYL ALLOSAMINE'
4 water water
#
_entity_poly.entity_id   1
_entity_poly.type   'polypeptide(L)'
_entity_poly.pdbx_seq_one_letter_code
;AKLVCYFTNWAQYRQGEARFLPKDLDPSLCTHLIYAFAGMTNHQLSTTEWNDETLYQEFNGLKKMNPKLKTLLAIGGWNF
GTQKFTDMVATANNRQTFVNSAIRFLRKYSFDGLDLDWEYPGSQGSPAVDKERFTTLVQDLANAFQQEAQTSGKERLLLS
AAVPAGQTYVDAGYEVDKIAQNLDFVNLMAYDFHGSWEKVTGHNSPLYKRQEQSGAAASLNVDAAVQQWLQKGTPASKLI
LGMPTYGRSFTLASSSDTRVGAPATGSGTPGPFTKEGGMLAYYEVCSWKGATKQRIQDQKVPYIFRDNQWVGFDDVESFK
TKVSYLKQKGLGGAMVWALDLDDFAGFSCNQGRYPLIQTLRQELS
;
_entity_poly.pdbx_strand_id   A
#
loop_
_chem_comp.id
_chem_comp.type
_chem_comp.name
_chem_comp.formula
ALI non-polymer 'METHYL N-ACETYL ALLOSAMINE' 'C8 H12 N2 O4'
NA1 D-saccharide, alpha linking 2-acetamido-2-deoxy-6-O-methyl-alpha-D-allopyranose 'C9 H17 N O6'
NAG D-saccharide, beta linking 2-acetamido-2-deoxy-beta-D-glucopyranose 'C8 H15 N O6'
#
# COMPACT_ATOMS: atom_id res chain seq x y z
N ALA A 1 3.11 -6.35 17.35
CA ALA A 1 3.32 -6.14 15.88
C ALA A 1 2.69 -4.85 15.36
N LYS A 2 3.15 -4.42 14.20
CA LYS A 2 2.68 -3.22 13.52
C LYS A 2 1.51 -3.46 12.58
N LEU A 3 0.54 -2.57 12.62
CA LEU A 3 -0.60 -2.62 11.72
C LEU A 3 -0.53 -1.23 11.09
N VAL A 4 -0.06 -1.17 9.86
CA VAL A 4 0.11 0.10 9.14
C VAL A 4 -1.03 0.31 8.15
N CYS A 5 -1.79 1.38 8.36
CA CYS A 5 -2.92 1.65 7.50
C CYS A 5 -2.80 2.97 6.75
N TYR A 6 -3.13 2.94 5.46
CA TYR A 6 -3.06 4.16 4.63
C TYR A 6 -4.40 4.85 4.45
N PHE A 7 -4.36 6.15 4.58
CA PHE A 7 -5.53 6.98 4.36
C PHE A 7 -5.23 7.60 3.00
N THR A 8 -6.25 7.87 2.19
CA THR A 8 -6.02 8.51 0.93
C THR A 8 -6.83 9.79 0.92
N ASN A 9 -6.25 10.85 0.35
CA ASN A 9 -6.97 12.13 0.40
C ASN A 9 -7.89 12.43 -0.77
N TRP A 10 -8.21 11.40 -1.55
CA TRP A 10 -9.12 11.52 -2.69
C TRP A 10 -10.42 10.77 -2.39
N ALA A 11 -10.40 9.94 -1.34
CA ALA A 11 -11.57 9.16 -0.93
C ALA A 11 -12.68 10.09 -0.46
N GLN A 12 -12.31 11.34 -0.17
CA GLN A 12 -13.26 12.33 0.31
C GLN A 12 -14.22 12.74 -0.80
N TYR A 13 -13.81 12.53 -2.05
CA TYR A 13 -14.64 12.88 -3.19
C TYR A 13 -15.62 11.81 -3.68
N ARG A 14 -15.66 10.70 -2.97
CA ARG A 14 -16.55 9.59 -3.29
C ARG A 14 -17.99 9.91 -2.86
N GLN A 15 -18.98 9.44 -3.62
CA GLN A 15 -20.36 9.74 -3.26
C GLN A 15 -20.97 8.82 -2.22
N GLY A 16 -22.00 9.35 -1.57
CA GLY A 16 -22.72 8.60 -0.57
C GLY A 16 -21.89 8.02 0.54
N GLU A 17 -22.32 6.86 1.01
CA GLU A 17 -21.67 6.16 2.08
C GLU A 17 -20.21 5.82 1.88
N ALA A 18 -19.69 6.13 0.70
CA ALA A 18 -18.28 5.86 0.38
C ALA A 18 -17.41 7.06 0.64
N ARG A 19 -18.01 8.23 0.83
CA ARG A 19 -17.20 9.40 1.08
C ARG A 19 -16.41 9.18 2.37
N PHE A 20 -15.09 9.33 2.32
CA PHE A 20 -14.25 9.10 3.49
C PHE A 20 -13.41 10.33 3.84
N LEU A 21 -13.47 10.70 5.12
CA LEU A 21 -12.74 11.83 5.69
C LEU A 21 -12.17 11.35 7.02
N PRO A 22 -11.19 12.09 7.58
CA PRO A 22 -10.56 11.73 8.86
C PRO A 22 -11.54 11.27 9.95
N LYS A 23 -12.71 11.88 10.02
CA LYS A 23 -13.69 11.50 11.03
C LYS A 23 -14.09 10.04 10.93
N ASP A 24 -13.85 9.43 9.78
CA ASP A 24 -14.18 8.04 9.58
C ASP A 24 -13.13 7.10 10.14
N LEU A 25 -12.01 7.67 10.55
CA LEU A 25 -10.92 6.90 11.12
C LEU A 25 -11.15 6.43 12.55
N ASP A 26 -10.67 5.21 12.86
CA ASP A 26 -10.76 4.67 14.22
C ASP A 26 -9.34 4.89 14.77
N PRO A 27 -9.20 5.66 15.85
CA PRO A 27 -7.87 5.93 16.45
C PRO A 27 -7.10 4.66 16.91
N SER A 28 -7.82 3.71 17.50
CA SER A 28 -7.26 2.46 18.02
C SER A 28 -7.08 1.29 17.00
N LEU A 29 -7.61 1.41 15.77
CA LEU A 29 -7.52 0.36 14.78
C LEU A 29 -6.10 -0.13 14.38
N CYS A 30 -5.25 0.81 13.98
CA CYS A 30 -3.90 0.48 13.55
C CYS A 30 -2.89 1.11 14.49
N THR A 31 -1.63 0.72 14.33
CA THR A 31 -0.53 1.22 15.13
C THR A 31 0.07 2.45 14.43
N HIS A 32 -0.01 2.42 13.10
CA HIS A 32 0.52 3.48 12.28
C HIS A 32 -0.46 3.86 11.16
N LEU A 33 -0.75 5.15 11.04
CA LEU A 33 -1.64 5.65 10.00
C LEU A 33 -0.80 6.47 9.04
N ILE A 34 -0.82 6.06 7.78
CA ILE A 34 -0.07 6.79 6.78
C ILE A 34 -0.98 7.59 5.84
N TYR A 35 -0.63 8.86 5.71
CA TYR A 35 -1.35 9.83 4.89
C TYR A 35 -0.84 9.91 3.42
N ALA A 36 -1.67 9.44 2.49
CA ALA A 36 -1.37 9.47 1.05
C ALA A 36 -2.30 10.48 0.32
N PHE A 37 -1.76 11.41 -0.46
CA PHE A 37 -0.31 11.57 -0.69
C PHE A 37 0.04 13.04 -0.64
N ALA A 38 1.33 13.30 -0.54
CA ALA A 38 1.88 14.63 -0.54
C ALA A 38 2.71 14.64 -1.83
N GLY A 39 2.86 15.83 -2.43
CA GLY A 39 3.65 15.94 -3.64
C GLY A 39 4.89 16.78 -3.43
N MET A 40 5.42 17.29 -4.54
CA MET A 40 6.62 18.12 -4.55
C MET A 40 6.37 19.43 -5.32
N THR A 41 7.05 20.49 -4.89
CA THR A 41 6.93 21.79 -5.52
C THR A 41 8.27 22.51 -5.37
N ASN A 42 9.11 22.39 -6.37
CA ASN A 42 10.41 23.01 -6.33
C ASN A 42 11.27 22.23 -5.36
N HIS A 43 11.32 20.91 -5.54
CA HIS A 43 12.13 20.06 -4.69
C HIS A 43 11.71 20.06 -3.21
N GLN A 44 10.50 20.51 -2.92
CA GLN A 44 10.02 20.55 -1.55
C GLN A 44 8.75 19.72 -1.36
N LEU A 45 8.47 19.39 -0.10
CA LEU A 45 7.29 18.63 0.25
C LEU A 45 6.06 19.55 0.16
N SER A 46 4.97 19.07 -0.45
CA SER A 46 3.79 19.93 -0.58
C SER A 46 2.44 19.20 -0.60
N THR A 47 1.37 19.95 -0.30
CA THR A 47 0.02 19.34 -0.28
C THR A 47 -0.57 19.09 -1.68
N THR A 48 -1.59 18.26 -1.75
CA THR A 48 -2.21 17.94 -3.03
C THR A 48 -3.71 18.22 -3.03
N GLU A 49 -4.26 18.59 -1.90
CA GLU A 49 -5.69 18.89 -1.87
C GLU A 49 -6.00 20.18 -1.09
N TRP A 50 -6.92 20.97 -1.61
CA TRP A 50 -7.29 22.25 -1.00
C TRP A 50 -7.45 22.19 0.52
N ASN A 51 -7.64 20.99 1.07
CA ASN A 51 -7.84 20.86 2.49
C ASN A 51 -6.85 19.93 3.23
N ASP A 52 -5.69 19.68 2.64
CA ASP A 52 -4.72 18.80 3.28
C ASP A 52 -4.28 19.28 4.66
N GLU A 53 -4.06 20.58 4.79
CA GLU A 53 -3.67 21.11 6.08
C GLU A 53 -4.75 21.01 7.16
N THR A 54 -6.02 21.06 6.79
CA THR A 54 -7.09 20.91 7.77
C THR A 54 -7.18 19.40 8.13
N LEU A 55 -7.10 18.58 7.09
CA LEU A 55 -7.14 17.13 7.21
C LEU A 55 -5.97 16.68 8.10
N TYR A 56 -4.81 17.25 7.85
CA TYR A 56 -3.62 16.94 8.64
C TYR A 56 -3.91 17.09 10.14
N GLN A 57 -4.57 18.19 10.51
CA GLN A 57 -4.88 18.47 11.89
C GLN A 57 -5.80 17.42 12.51
N GLU A 58 -6.79 16.95 11.75
CA GLU A 58 -7.69 15.93 12.28
C GLU A 58 -6.98 14.59 12.35
N PHE A 59 -6.16 14.34 11.32
CA PHE A 59 -5.41 13.11 11.22
C PHE A 59 -4.50 12.98 12.46
N ASN A 60 -3.59 13.93 12.58
CA ASN A 60 -2.67 13.90 13.69
C ASN A 60 -3.32 14.20 15.04
N GLY A 61 -4.49 14.83 15.02
CA GLY A 61 -5.18 15.16 16.26
C GLY A 61 -5.71 13.92 16.95
N LEU A 62 -5.73 12.82 16.20
CA LEU A 62 -6.21 11.56 16.73
C LEU A 62 -5.27 11.00 17.79
N LYS A 63 -4.01 11.40 17.75
CA LYS A 63 -3.04 10.91 18.71
C LYS A 63 -3.30 11.37 20.14
N LYS A 64 -4.23 12.30 20.31
CA LYS A 64 -4.56 12.75 21.66
C LYS A 64 -5.39 11.61 22.25
N MET A 65 -6.40 11.17 21.52
CA MET A 65 -7.24 10.10 22.01
C MET A 65 -6.42 8.81 22.12
N ASN A 66 -5.43 8.66 21.25
CA ASN A 66 -4.56 7.50 21.30
C ASN A 66 -3.10 7.93 21.18
N PRO A 67 -2.49 8.25 22.32
CA PRO A 67 -1.10 8.69 22.40
C PRO A 67 -0.04 7.72 21.90
N LYS A 68 -0.39 6.45 21.74
CA LYS A 68 0.58 5.48 21.25
C LYS A 68 0.60 5.39 19.72
N LEU A 69 -0.45 5.93 19.10
CA LEU A 69 -0.57 5.92 17.63
C LEU A 69 0.53 6.74 16.92
N LYS A 70 1.06 6.20 15.83
CA LYS A 70 2.09 6.90 15.06
C LYS A 70 1.60 7.26 13.66
N THR A 71 1.87 8.49 13.21
CA THR A 71 1.44 8.93 11.88
C THR A 71 2.57 9.32 10.93
N LEU A 72 2.39 8.99 9.67
CA LEU A 72 3.36 9.34 8.66
C LEU A 72 2.66 9.93 7.43
N LEU A 73 3.40 10.73 6.68
CA LEU A 73 2.91 11.34 5.47
C LEU A 73 3.73 10.66 4.37
N ALA A 74 3.06 10.10 3.37
CA ALA A 74 3.75 9.44 2.27
C ALA A 74 3.86 10.41 1.07
N ILE A 75 5.02 10.41 0.42
CA ILE A 75 5.18 11.26 -0.76
C ILE A 75 5.31 10.42 -2.03
N GLY A 76 4.50 10.77 -3.04
CA GLY A 76 4.56 10.10 -4.31
C GLY A 76 3.37 9.29 -4.78
N GLY A 77 3.64 8.00 -4.94
CA GLY A 77 2.63 7.07 -5.38
C GLY A 77 2.71 6.74 -6.85
N TRP A 78 1.89 5.77 -7.23
CA TRP A 78 1.83 5.30 -8.59
C TRP A 78 1.68 6.42 -9.64
N ASN A 79 0.71 7.29 -9.44
CA ASN A 79 0.46 8.38 -10.37
C ASN A 79 1.26 9.65 -10.06
N PHE A 80 2.45 9.49 -9.51
CA PHE A 80 3.24 10.66 -9.21
C PHE A 80 4.23 10.96 -10.32
N GLY A 81 4.79 9.90 -10.88
CA GLY A 81 5.78 10.05 -11.92
C GLY A 81 7.13 9.80 -11.28
N THR A 82 8.20 10.15 -11.99
CA THR A 82 9.54 9.94 -11.47
C THR A 82 10.41 11.16 -11.70
N GLN A 83 10.03 11.97 -12.67
CA GLN A 83 10.80 13.18 -12.98
C GLN A 83 11.23 13.91 -11.70
N LYS A 84 10.25 14.47 -10.98
CA LYS A 84 10.48 15.20 -9.73
C LYS A 84 11.37 14.49 -8.73
N PHE A 85 11.36 13.17 -8.72
CA PHE A 85 12.19 12.41 -7.79
C PHE A 85 13.63 12.31 -8.30
N THR A 86 13.75 11.86 -9.55
CA THR A 86 15.01 11.71 -10.25
C THR A 86 15.71 13.07 -10.23
N ASP A 87 14.90 14.12 -10.32
CA ASP A 87 15.43 15.47 -10.32
C ASP A 87 15.83 15.99 -8.93
N MET A 88 15.00 15.72 -7.93
CA MET A 88 15.28 16.19 -6.58
C MET A 88 16.52 15.54 -5.94
N VAL A 89 16.84 14.34 -6.37
CA VAL A 89 17.97 13.61 -5.81
C VAL A 89 19.22 13.74 -6.63
N ALA A 90 19.15 14.54 -7.69
CA ALA A 90 20.27 14.74 -8.59
C ALA A 90 21.40 15.59 -7.97
N THR A 91 21.04 16.61 -7.20
CA THR A 91 22.03 17.48 -6.56
C THR A 91 21.89 17.59 -5.04
N ALA A 92 23.03 17.60 -4.36
CA ALA A 92 23.06 17.71 -2.91
C ALA A 92 22.19 18.87 -2.46
N ASN A 93 22.14 19.90 -3.28
CA ASN A 93 21.37 21.10 -2.97
C ASN A 93 19.89 20.75 -2.85
N ASN A 94 19.36 20.08 -3.87
CA ASN A 94 17.95 19.68 -3.88
C ASN A 94 17.64 18.69 -2.74
N ARG A 95 18.48 17.67 -2.61
CA ARG A 95 18.30 16.70 -1.54
C ARG A 95 18.27 17.47 -0.23
N GLN A 96 19.31 18.28 0.00
CA GLN A 96 19.44 19.09 1.21
C GLN A 96 18.24 20.02 1.40
N THR A 97 17.62 20.45 0.31
CA THR A 97 16.46 21.34 0.37
C THR A 97 15.18 20.56 0.67
N PHE A 98 15.08 19.36 0.08
CA PHE A 98 13.93 18.48 0.29
C PHE A 98 13.90 18.07 1.77
N VAL A 99 15.04 17.54 2.21
CA VAL A 99 15.23 17.11 3.58
C VAL A 99 14.81 18.17 4.62
N ASN A 100 15.25 19.40 4.41
CA ASN A 100 14.92 20.48 5.31
C ASN A 100 13.44 20.83 5.28
N SER A 101 12.81 20.70 4.12
CA SER A 101 11.39 20.99 4.04
C SER A 101 10.66 19.81 4.68
N ALA A 102 11.18 18.60 4.50
CA ALA A 102 10.56 17.42 5.09
C ALA A 102 10.42 17.58 6.61
N ILE A 103 11.54 17.94 7.24
CA ILE A 103 11.61 18.14 8.68
C ILE A 103 10.73 19.29 9.16
N ARG A 104 10.71 20.40 8.44
CA ARG A 104 9.89 21.53 8.82
C ARG A 104 8.41 21.20 8.61
N PHE A 105 8.15 20.47 7.52
CA PHE A 105 6.81 20.07 7.13
C PHE A 105 6.15 19.06 8.09
N LEU A 106 6.86 17.99 8.40
CA LEU A 106 6.31 16.97 9.27
C LEU A 106 6.03 17.54 10.65
N ARG A 107 7.01 18.27 11.19
CA ARG A 107 6.87 18.85 12.51
C ARG A 107 5.74 19.86 12.59
N LYS A 108 5.63 20.71 11.57
CA LYS A 108 4.60 21.72 11.55
C LYS A 108 3.18 21.14 11.62
N TYR A 109 3.00 20.02 10.92
CA TYR A 109 1.70 19.39 10.86
C TYR A 109 1.50 18.17 11.78
N SER A 110 2.49 17.91 12.64
CA SER A 110 2.49 16.82 13.60
C SER A 110 2.54 15.40 13.05
N PHE A 111 3.38 15.19 12.05
CA PHE A 111 3.54 13.87 11.52
C PHE A 111 4.74 13.32 12.25
N ASP A 112 4.73 12.01 12.51
CA ASP A 112 5.84 11.34 13.19
C ASP A 112 6.86 10.80 12.21
N GLY A 113 6.57 10.96 10.93
CA GLY A 113 7.49 10.45 9.95
C GLY A 113 7.10 10.58 8.50
N LEU A 114 7.97 10.06 7.66
CA LEU A 114 7.77 10.14 6.24
C LEU A 114 7.88 8.79 5.56
N ASP A 115 6.89 8.50 4.72
CA ASP A 115 6.87 7.28 3.97
C ASP A 115 7.14 7.63 2.48
N LEU A 116 8.23 7.08 1.96
CA LEU A 116 8.63 7.32 0.59
C LEU A 116 7.91 6.36 -0.33
N ASP A 117 7.20 6.93 -1.31
CA ASP A 117 6.54 6.13 -2.31
C ASP A 117 6.94 6.55 -3.75
N TRP A 118 8.24 6.38 -4.03
CA TRP A 118 8.81 6.67 -5.34
C TRP A 118 8.59 5.42 -6.23
N GLU A 119 7.55 5.45 -7.06
CA GLU A 119 7.23 4.31 -7.92
C GLU A 119 7.61 4.44 -9.40
N TYR A 120 8.81 4.03 -9.79
CA TYR A 120 9.86 3.51 -8.90
C TYR A 120 11.20 3.97 -9.49
N PRO A 121 12.27 3.97 -8.67
CA PRO A 121 13.56 4.41 -9.21
C PRO A 121 14.24 3.27 -10.02
N GLY A 122 14.76 3.63 -11.20
CA GLY A 122 15.42 2.65 -12.06
C GLY A 122 14.41 2.06 -13.02
N SER A 123 13.26 2.71 -13.10
CA SER A 123 12.17 2.30 -13.97
C SER A 123 11.14 3.41 -14.12
N GLN A 124 10.28 3.27 -15.12
CA GLN A 124 9.27 4.27 -15.42
C GLN A 124 9.97 5.59 -15.82
N GLY A 125 11.07 5.46 -16.57
CA GLY A 125 11.80 6.64 -17.00
C GLY A 125 12.89 7.05 -16.03
N SER A 126 13.27 6.16 -15.11
CA SER A 126 14.30 6.50 -14.17
C SER A 126 15.59 5.80 -14.54
N PRO A 127 16.64 6.58 -14.82
CA PRO A 127 17.94 6.04 -15.20
C PRO A 127 18.40 5.20 -14.03
N ALA A 128 18.89 4.00 -14.30
CA ALA A 128 19.34 3.12 -13.23
C ALA A 128 20.42 3.79 -12.38
N VAL A 129 20.66 5.07 -12.63
CA VAL A 129 21.63 5.82 -11.85
C VAL A 129 20.89 6.24 -10.57
N ASP A 130 19.57 6.35 -10.68
CA ASP A 130 18.70 6.73 -9.57
C ASP A 130 18.61 5.66 -8.50
N LYS A 131 18.91 4.41 -8.89
CA LYS A 131 18.89 3.33 -7.92
C LYS A 131 19.75 3.72 -6.73
N GLU A 132 21.02 4.01 -7.02
CA GLU A 132 21.98 4.40 -6.00
C GLU A 132 21.73 5.78 -5.38
N ARG A 133 21.11 6.67 -6.13
CA ARG A 133 20.84 7.99 -5.62
C ARG A 133 19.69 7.88 -4.60
N PHE A 134 18.88 6.84 -4.76
CA PHE A 134 17.76 6.56 -3.87
C PHE A 134 18.35 6.23 -2.50
N THR A 135 19.27 5.27 -2.52
CA THR A 135 19.96 4.85 -1.32
C THR A 135 20.48 6.10 -0.61
N THR A 136 21.13 6.97 -1.35
CA THR A 136 21.66 8.19 -0.77
C THR A 136 20.55 9.04 -0.14
N LEU A 137 19.43 9.18 -0.85
CA LEU A 137 18.29 9.95 -0.38
C LEU A 137 17.85 9.42 0.97
N VAL A 138 17.86 8.09 1.08
CA VAL A 138 17.47 7.41 2.30
C VAL A 138 18.36 7.86 3.44
N GLN A 139 19.67 7.69 3.29
CA GLN A 139 20.62 8.10 4.33
C GLN A 139 20.47 9.55 4.72
N ASP A 140 20.27 10.41 3.73
CA ASP A 140 20.11 11.82 3.99
C ASP A 140 18.94 12.07 4.93
N LEU A 141 17.80 11.49 4.59
CA LEU A 141 16.58 11.63 5.40
C LEU A 141 16.86 11.06 6.77
N ALA A 142 17.45 9.87 6.80
CA ALA A 142 17.78 9.22 8.07
C ALA A 142 18.69 10.09 8.93
N ASN A 143 19.83 10.51 8.38
CA ASN A 143 20.78 11.36 9.12
C ASN A 143 20.18 12.65 9.64
N ALA A 144 19.50 13.40 8.78
CA ALA A 144 18.88 14.65 9.21
C ALA A 144 17.89 14.38 10.33
N PHE A 145 17.22 13.24 10.22
CA PHE A 145 16.24 12.81 11.18
C PHE A 145 16.91 12.55 12.52
N GLN A 146 17.98 11.76 12.50
CA GLN A 146 18.72 11.45 13.72
C GLN A 146 19.31 12.71 14.36
N GLN A 147 19.64 13.69 13.52
CA GLN A 147 20.21 14.91 14.02
C GLN A 147 19.12 15.81 14.59
N GLU A 148 18.08 16.03 13.81
CA GLU A 148 16.99 16.89 14.27
C GLU A 148 16.41 16.37 15.56
N ALA A 149 16.51 15.06 15.75
CA ALA A 149 16.00 14.44 16.97
C ALA A 149 16.68 15.12 18.14
N GLN A 150 18.01 15.09 18.10
CA GLN A 150 18.83 15.69 19.15
C GLN A 150 18.50 17.16 19.42
N THR A 151 18.62 18.00 18.39
CA THR A 151 18.34 19.42 18.54
C THR A 151 16.91 19.75 19.02
N SER A 152 15.90 19.19 18.34
CA SER A 152 14.52 19.46 18.71
C SER A 152 14.08 18.83 20.04
N GLY A 153 14.78 17.79 20.50
CA GLY A 153 14.39 17.13 21.74
C GLY A 153 13.18 16.21 21.63
N LYS A 154 12.51 16.23 20.48
CA LYS A 154 11.34 15.39 20.20
C LYS A 154 11.79 13.99 19.74
N GLU A 155 10.84 13.08 19.53
CA GLU A 155 11.19 11.75 19.07
C GLU A 155 11.64 11.74 17.62
N ARG A 156 12.66 10.93 17.33
CA ARG A 156 13.20 10.81 15.97
C ARG A 156 12.16 10.48 14.89
N LEU A 157 12.06 11.35 13.89
CA LEU A 157 11.12 11.13 12.79
C LEU A 157 11.33 9.74 12.20
N LEU A 158 10.23 9.04 11.95
CA LEU A 158 10.30 7.71 11.35
C LEU A 158 10.46 7.75 9.82
N LEU A 159 11.12 6.74 9.27
CA LEU A 159 11.32 6.65 7.84
C LEU A 159 10.95 5.30 7.23
N SER A 160 9.91 5.29 6.41
CA SER A 160 9.47 4.08 5.74
C SER A 160 9.42 4.28 4.22
N ALA A 161 9.05 3.22 3.51
CA ALA A 161 8.93 3.26 2.06
C ALA A 161 8.04 2.14 1.49
N ALA A 162 7.16 2.52 0.57
CA ALA A 162 6.31 1.56 -0.11
C ALA A 162 7.23 0.92 -1.17
N VAL A 163 7.34 -0.41 -1.18
CA VAL A 163 8.22 -1.06 -2.14
C VAL A 163 7.49 -2.09 -2.96
N PRO A 164 7.96 -2.31 -4.20
CA PRO A 164 7.39 -3.27 -5.15
C PRO A 164 7.86 -4.70 -4.90
N ALA A 165 7.05 -5.65 -5.36
CA ALA A 165 7.34 -7.08 -5.22
C ALA A 165 8.27 -7.55 -6.34
N GLY A 166 7.94 -7.16 -7.56
CA GLY A 166 8.71 -7.55 -8.73
C GLY A 166 10.24 -7.61 -8.68
N GLN A 167 10.76 -8.81 -8.95
CA GLN A 167 12.21 -9.04 -8.99
C GLN A 167 12.82 -7.97 -9.88
N THR A 168 12.19 -7.76 -11.03
CA THR A 168 12.65 -6.77 -12.01
C THR A 168 12.77 -5.38 -11.41
N TYR A 169 11.70 -4.93 -10.77
CA TYR A 169 11.65 -3.62 -10.15
C TYR A 169 12.64 -3.50 -8.99
N VAL A 170 12.75 -4.57 -8.19
CA VAL A 170 13.69 -4.58 -7.07
C VAL A 170 15.13 -4.40 -7.55
N ASP A 171 15.51 -5.16 -8.58
CA ASP A 171 16.86 -5.08 -9.15
C ASP A 171 17.09 -3.77 -9.86
N ALA A 172 16.04 -3.21 -10.42
CA ALA A 172 16.15 -1.96 -11.18
C ALA A 172 16.66 -0.82 -10.32
N GLY A 173 16.15 -0.71 -9.10
CA GLY A 173 16.63 0.40 -8.29
C GLY A 173 16.55 0.32 -6.79
N TYR A 174 16.76 -0.86 -6.22
CA TYR A 174 16.68 -0.99 -4.77
C TYR A 174 17.88 -1.69 -4.15
N GLU A 175 18.72 -0.91 -3.46
CA GLU A 175 19.88 -1.49 -2.76
C GLU A 175 19.29 -1.93 -1.41
N VAL A 176 18.72 -3.13 -1.40
CA VAL A 176 18.04 -3.68 -0.21
C VAL A 176 18.81 -3.74 1.10
N ASP A 177 19.82 -4.60 1.16
CA ASP A 177 20.60 -4.77 2.38
C ASP A 177 21.05 -3.44 2.97
N LYS A 178 21.20 -2.45 2.09
CA LYS A 178 21.62 -1.11 2.50
C LYS A 178 20.46 -0.25 3.00
N ILE A 179 19.50 0.02 2.13
CA ILE A 179 18.38 0.86 2.51
C ILE A 179 17.56 0.30 3.69
N ALA A 180 17.55 -1.01 3.81
CA ALA A 180 16.82 -1.63 4.90
C ALA A 180 17.46 -1.20 6.22
N GLN A 181 18.75 -0.89 6.19
CA GLN A 181 19.41 -0.47 7.41
C GLN A 181 18.98 0.89 7.88
N ASN A 182 18.50 1.73 6.97
CA ASN A 182 18.08 3.07 7.34
C ASN A 182 16.56 3.27 7.40
N LEU A 183 15.82 2.28 6.93
CA LEU A 183 14.36 2.41 7.00
C LEU A 183 13.91 1.81 8.33
N ASP A 184 12.95 2.46 8.99
CA ASP A 184 12.45 1.94 10.24
C ASP A 184 11.61 0.69 9.94
N PHE A 185 10.92 0.72 8.80
CA PHE A 185 10.17 -0.44 8.35
C PHE A 185 9.93 -0.32 6.86
N VAL A 186 9.67 -1.48 6.26
CA VAL A 186 9.47 -1.56 4.83
C VAL A 186 8.07 -2.03 4.52
N ASN A 187 7.32 -1.19 3.82
CA ASN A 187 5.94 -1.50 3.44
C ASN A 187 5.92 -2.26 2.10
N LEU A 188 5.89 -3.59 2.19
CA LEU A 188 5.88 -4.44 1.00
C LEU A 188 4.49 -4.45 0.37
N MET A 189 4.40 -3.99 -0.88
CA MET A 189 3.13 -3.93 -1.61
C MET A 189 2.83 -5.27 -2.29
N ALA A 190 2.28 -6.20 -1.53
CA ALA A 190 2.03 -7.51 -2.08
C ALA A 190 0.67 -7.64 -2.70
N TYR A 191 0.49 -6.92 -3.81
CA TYR A 191 -0.75 -6.95 -4.56
C TYR A 191 -0.46 -6.50 -5.98
N ASP A 192 -1.51 -6.44 -6.80
CA ASP A 192 -1.42 -6.06 -8.20
C ASP A 192 -0.56 -7.08 -8.96
N PHE A 193 -0.46 -8.30 -8.44
CA PHE A 193 0.29 -9.35 -9.10
C PHE A 193 -0.44 -9.67 -10.40
N HIS A 194 -1.75 -9.44 -10.39
CA HIS A 194 -2.60 -9.67 -11.54
C HIS A 194 -3.64 -8.56 -11.67
N GLY A 195 -4.05 -8.31 -12.91
CA GLY A 195 -5.04 -7.29 -13.21
C GLY A 195 -5.43 -7.21 -14.68
N SER A 196 -6.49 -6.45 -14.94
CA SER A 196 -7.04 -6.25 -16.28
C SER A 196 -6.04 -5.84 -17.38
N TRP A 197 -4.79 -5.59 -17.01
CA TRP A 197 -3.79 -5.21 -17.99
C TRP A 197 -3.23 -6.48 -18.64
N GLU A 198 -3.84 -7.60 -18.28
CA GLU A 198 -3.49 -8.91 -18.78
C GLU A 198 -4.71 -9.45 -19.55
N LYS A 199 -4.53 -10.42 -20.44
CA LYS A 199 -5.67 -10.92 -21.20
C LYS A 199 -6.35 -12.18 -20.64
N VAL A 200 -5.92 -12.57 -19.45
CA VAL A 200 -6.43 -13.75 -18.75
C VAL A 200 -6.66 -13.46 -17.25
N THR A 201 -7.75 -13.95 -16.66
CA THR A 201 -7.98 -13.66 -15.23
C THR A 201 -6.89 -14.23 -14.31
N GLY A 202 -6.67 -13.53 -13.21
CA GLY A 202 -5.66 -13.89 -12.22
C GLY A 202 -5.92 -13.09 -10.96
N HIS A 203 -5.40 -13.55 -9.84
CA HIS A 203 -5.69 -12.84 -8.59
C HIS A 203 -4.78 -11.65 -8.26
N ASN A 204 -5.40 -10.61 -7.68
CA ASN A 204 -4.71 -9.38 -7.29
C ASN A 204 -3.66 -9.67 -6.23
N SER A 205 -4.02 -10.52 -5.27
CA SER A 205 -3.06 -10.80 -4.22
C SER A 205 -3.00 -12.28 -3.74
N PRO A 206 -2.48 -13.18 -4.58
CA PRO A 206 -2.35 -14.62 -4.22
C PRO A 206 -1.18 -14.91 -3.25
N LEU A 207 -1.47 -15.64 -2.17
CA LEU A 207 -0.45 -15.98 -1.17
C LEU A 207 0.67 -16.86 -1.78
N TYR A 208 0.24 -17.85 -2.56
CA TYR A 208 1.11 -18.81 -3.23
C TYR A 208 0.73 -18.85 -4.71
N LYS A 209 1.42 -19.66 -5.50
CA LYS A 209 1.10 -19.78 -6.92
C LYS A 209 0.23 -21.01 -7.17
N ARG A 210 -0.24 -21.16 -8.40
CA ARG A 210 -1.03 -22.33 -8.74
C ARG A 210 -0.07 -23.26 -9.46
N GLN A 211 -0.27 -24.57 -9.27
CA GLN A 211 0.61 -25.57 -9.88
C GLN A 211 0.92 -25.18 -11.32
N GLU A 212 -0.12 -24.73 -12.03
CA GLU A 212 -0.04 -24.32 -13.42
C GLU A 212 0.99 -23.24 -13.67
N GLN A 213 1.67 -22.79 -12.63
CA GLN A 213 2.65 -21.72 -12.81
C GLN A 213 4.09 -22.10 -12.50
N SER A 214 5.00 -21.47 -13.24
CA SER A 214 6.42 -21.71 -13.08
C SER A 214 7.21 -20.61 -13.82
N GLY A 215 8.46 -20.45 -13.43
CA GLY A 215 9.31 -19.44 -14.05
C GLY A 215 9.03 -18.09 -13.45
N ALA A 216 8.81 -17.11 -14.32
CA ALA A 216 8.54 -15.74 -13.88
C ALA A 216 7.15 -15.68 -13.25
N ALA A 217 6.16 -16.26 -13.94
CA ALA A 217 4.79 -16.27 -13.43
C ALA A 217 4.73 -16.85 -12.02
N ALA A 218 5.79 -17.56 -11.66
CA ALA A 218 5.91 -18.20 -10.35
C ALA A 218 6.06 -17.19 -9.21
N SER A 219 6.63 -16.03 -9.53
CA SER A 219 6.84 -15.00 -8.51
C SER A 219 5.56 -14.20 -8.18
N LEU A 220 4.63 -14.16 -9.12
CA LEU A 220 3.40 -13.40 -8.95
C LEU A 220 2.53 -13.76 -7.73
N ASN A 221 3.13 -13.75 -6.53
CA ASN A 221 2.40 -14.05 -5.30
C ASN A 221 3.11 -13.52 -4.06
N VAL A 222 2.38 -13.37 -2.96
CA VAL A 222 2.96 -12.82 -1.74
C VAL A 222 4.26 -13.50 -1.25
N ASP A 223 4.16 -14.77 -0.85
CA ASP A 223 5.32 -15.53 -0.40
C ASP A 223 6.51 -15.28 -1.33
N ALA A 224 6.28 -15.35 -2.63
CA ALA A 224 7.39 -15.08 -3.54
C ALA A 224 8.01 -13.71 -3.22
N ALA A 225 7.14 -12.68 -3.15
CA ALA A 225 7.59 -11.32 -2.87
C ALA A 225 8.32 -11.22 -1.55
N VAL A 226 7.82 -11.94 -0.55
CA VAL A 226 8.43 -11.92 0.78
C VAL A 226 9.82 -12.55 0.86
N GLN A 227 9.97 -13.75 0.30
CA GLN A 227 11.29 -14.41 0.33
C GLN A 227 12.26 -13.52 -0.42
N GLN A 228 11.75 -12.91 -1.47
CA GLN A 228 12.53 -12.06 -2.32
C GLN A 228 13.02 -10.81 -1.57
N TRP A 229 12.35 -10.44 -0.49
CA TRP A 229 12.79 -9.27 0.26
C TRP A 229 13.71 -9.62 1.42
N LEU A 230 13.47 -10.78 2.00
CA LEU A 230 14.28 -11.27 3.09
C LEU A 230 15.65 -11.65 2.53
N GLN A 231 15.64 -12.52 1.51
CA GLN A 231 16.86 -12.98 0.88
C GLN A 231 17.84 -11.88 0.55
N LYS A 232 17.32 -10.70 0.19
CA LYS A 232 18.20 -9.60 -0.16
C LYS A 232 18.70 -8.71 1.00
N GLY A 233 18.31 -9.03 2.23
CA GLY A 233 18.82 -8.25 3.34
C GLY A 233 17.83 -7.65 4.29
N THR A 234 16.54 -7.79 4.01
CA THR A 234 15.54 -7.22 4.91
C THR A 234 15.28 -8.08 6.15
N PRO A 235 15.49 -7.49 7.34
CA PRO A 235 15.27 -8.19 8.61
C PRO A 235 13.75 -8.38 8.76
N ALA A 236 13.33 -9.62 8.99
CA ALA A 236 11.89 -9.94 9.09
C ALA A 236 11.03 -8.97 9.93
N SER A 237 11.63 -8.38 10.95
CA SER A 237 10.89 -7.47 11.83
C SER A 237 10.60 -6.13 11.17
N LYS A 238 11.30 -5.84 10.08
CA LYS A 238 11.11 -4.57 9.41
C LYS A 238 10.27 -4.70 8.16
N LEU A 239 10.04 -5.93 7.72
CA LEU A 239 9.24 -6.17 6.55
C LEU A 239 7.80 -6.25 7.00
N ILE A 240 6.94 -5.49 6.33
CA ILE A 240 5.52 -5.46 6.67
C ILE A 240 4.71 -5.97 5.49
N LEU A 241 3.91 -6.99 5.75
CA LEU A 241 3.09 -7.58 4.72
C LEU A 241 1.90 -6.71 4.38
N GLY A 242 1.96 -6.09 3.20
CA GLY A 242 0.91 -5.23 2.73
C GLY A 242 -0.21 -6.08 2.19
N MET A 243 -1.43 -5.64 2.47
CA MET A 243 -2.63 -6.34 2.05
C MET A 243 -3.63 -5.34 1.49
N PRO A 244 -4.41 -5.77 0.47
CA PRO A 244 -5.43 -4.98 -0.24
C PRO A 244 -6.86 -5.18 0.20
N THR A 245 -7.56 -4.07 0.42
CA THR A 245 -8.99 -4.18 0.78
C THR A 245 -9.76 -3.86 -0.52
N TYR A 246 -9.14 -4.22 -1.62
CA TYR A 246 -9.70 -4.03 -2.94
C TYR A 246 -9.30 -5.26 -3.76
N GLY A 247 -10.05 -5.56 -4.82
CA GLY A 247 -9.69 -6.67 -5.69
C GLY A 247 -9.64 -6.17 -7.11
N ARG A 248 -9.10 -6.96 -8.05
CA ARG A 248 -9.04 -6.51 -9.45
C ARG A 248 -10.01 -7.29 -10.38
N SER A 249 -10.77 -6.55 -11.18
CA SER A 249 -11.77 -7.15 -12.04
C SER A 249 -11.51 -7.21 -13.54
N PHE A 250 -12.00 -8.29 -14.13
CA PHE A 250 -11.85 -8.52 -15.56
C PHE A 250 -13.25 -8.73 -16.12
N THR A 251 -13.37 -8.60 -17.42
CA THR A 251 -14.64 -8.90 -18.07
C THR A 251 -14.27 -10.16 -18.85
N LEU A 252 -15.03 -11.23 -18.60
CA LEU A 252 -14.83 -12.53 -19.25
C LEU A 252 -15.26 -12.50 -20.72
N ALA A 253 -14.44 -13.10 -21.59
CA ALA A 253 -14.75 -13.14 -23.01
C ALA A 253 -16.01 -13.98 -23.19
N SER A 254 -16.13 -14.99 -22.33
CA SER A 254 -17.27 -15.88 -22.31
C SER A 254 -17.62 -16.18 -20.86
N SER A 255 -18.87 -15.91 -20.51
CA SER A 255 -19.36 -16.14 -19.15
C SER A 255 -19.51 -17.65 -18.82
N SER A 256 -18.81 -18.48 -19.60
CA SER A 256 -18.85 -19.92 -19.38
C SER A 256 -17.51 -20.42 -18.87
N ASP A 257 -16.43 -19.74 -19.27
CA ASP A 257 -15.13 -20.14 -18.76
C ASP A 257 -14.80 -19.12 -17.66
N THR A 258 -15.31 -19.41 -16.46
CA THR A 258 -15.12 -18.55 -15.30
C THR A 258 -14.10 -19.13 -14.32
N ARG A 259 -12.93 -19.48 -14.82
CA ARG A 259 -11.88 -20.05 -13.99
C ARG A 259 -10.67 -19.14 -14.00
N VAL A 260 -9.80 -19.31 -13.01
CA VAL A 260 -8.61 -18.48 -12.93
C VAL A 260 -7.60 -18.75 -14.05
N GLY A 261 -7.73 -17.99 -15.13
CA GLY A 261 -6.85 -18.13 -16.27
C GLY A 261 -7.67 -17.97 -17.55
N ALA A 262 -8.95 -17.71 -17.35
CA ALA A 262 -9.91 -17.56 -18.45
C ALA A 262 -9.70 -16.30 -19.29
N PRO A 263 -10.24 -16.28 -20.52
CA PRO A 263 -10.12 -15.13 -21.42
C PRO A 263 -10.94 -13.92 -20.96
N ALA A 264 -10.25 -12.80 -20.82
CA ALA A 264 -10.85 -11.54 -20.42
C ALA A 264 -10.76 -10.55 -21.58
N THR A 265 -11.89 -9.94 -21.93
CA THR A 265 -11.90 -8.98 -23.03
C THR A 265 -11.49 -7.58 -22.58
N GLY A 266 -11.07 -7.45 -21.32
CA GLY A 266 -10.65 -6.17 -20.79
C GLY A 266 -10.98 -5.98 -19.32
N SER A 267 -11.00 -4.72 -18.88
CA SER A 267 -11.30 -4.37 -17.49
C SER A 267 -12.67 -4.82 -17.05
N GLY A 268 -12.85 -4.92 -15.73
CA GLY A 268 -14.15 -5.28 -15.20
C GLY A 268 -14.98 -4.00 -15.12
N THR A 269 -16.30 -4.14 -15.23
CA THR A 269 -17.17 -2.97 -15.13
C THR A 269 -16.75 -2.05 -13.97
N PRO A 270 -16.61 -0.75 -14.22
CA PRO A 270 -16.22 0.13 -13.12
C PRO A 270 -17.16 -0.06 -11.93
N GLY A 271 -16.66 0.10 -10.71
CA GLY A 271 -17.50 -0.07 -9.54
C GLY A 271 -18.28 1.21 -9.34
N PRO A 272 -19.52 1.15 -8.82
CA PRO A 272 -20.33 2.35 -8.60
C PRO A 272 -19.69 3.48 -7.79
N PHE A 273 -18.96 3.17 -6.73
CA PHE A 273 -18.35 4.23 -5.94
C PHE A 273 -16.93 4.53 -6.35
N THR A 274 -16.16 3.50 -6.72
CA THR A 274 -14.79 3.74 -7.11
C THR A 274 -14.66 4.21 -8.55
N LYS A 275 -15.68 3.88 -9.34
CA LYS A 275 -15.79 4.29 -10.74
C LYS A 275 -14.52 4.22 -11.61
N GLU A 276 -13.80 3.10 -11.51
CA GLU A 276 -12.59 2.86 -12.32
C GLU A 276 -12.51 1.37 -12.64
N GLY A 277 -12.67 1.02 -13.91
CA GLY A 277 -12.61 -0.38 -14.31
C GLY A 277 -11.35 -1.14 -13.92
N GLY A 278 -11.54 -2.43 -13.60
CA GLY A 278 -10.42 -3.28 -13.23
C GLY A 278 -10.06 -3.34 -11.76
N MET A 279 -10.76 -2.54 -10.96
CA MET A 279 -10.53 -2.51 -9.54
C MET A 279 -11.89 -2.30 -8.91
N LEU A 280 -11.99 -2.73 -7.66
CA LEU A 280 -13.22 -2.61 -6.89
C LEU A 280 -12.85 -2.62 -5.43
N ALA A 281 -13.58 -1.84 -4.63
CA ALA A 281 -13.33 -1.83 -3.22
C ALA A 281 -14.04 -3.08 -2.69
N TYR A 282 -13.58 -3.56 -1.54
CA TYR A 282 -14.19 -4.73 -0.92
C TYR A 282 -15.67 -4.50 -0.73
N TYR A 283 -16.05 -3.30 -0.33
CA TYR A 283 -17.47 -3.02 -0.11
C TYR A 283 -18.32 -3.04 -1.37
N GLU A 284 -17.67 -3.09 -2.53
CA GLU A 284 -18.41 -3.15 -3.78
C GLU A 284 -18.59 -4.64 -4.14
N VAL A 285 -17.70 -5.46 -3.60
CA VAL A 285 -17.71 -6.90 -3.79
C VAL A 285 -18.76 -7.50 -2.87
N CYS A 286 -18.60 -7.24 -1.58
CA CYS A 286 -19.50 -7.68 -0.51
C CYS A 286 -20.91 -8.06 -0.89
N SER A 287 -21.65 -7.01 -1.23
CA SER A 287 -23.05 -7.03 -1.61
C SER A 287 -23.45 -8.13 -2.62
N TRP A 288 -22.85 -8.06 -3.80
CA TRP A 288 -23.10 -8.97 -4.92
C TRP A 288 -24.11 -10.10 -4.75
N LYS A 289 -25.35 -9.80 -5.13
CA LYS A 289 -26.43 -10.77 -5.05
C LYS A 289 -26.40 -11.71 -6.25
N GLY A 290 -26.79 -12.96 -6.03
CA GLY A 290 -26.79 -13.93 -7.12
C GLY A 290 -25.46 -13.95 -7.85
N ALA A 291 -24.39 -14.24 -7.11
CA ALA A 291 -23.06 -14.28 -7.67
C ALA A 291 -22.40 -15.56 -7.17
N THR A 292 -21.28 -15.95 -7.76
CA THR A 292 -20.62 -17.18 -7.35
C THR A 292 -19.18 -16.95 -6.87
N LYS A 293 -18.93 -17.32 -5.60
CA LYS A 293 -17.63 -17.18 -4.97
C LYS A 293 -16.87 -18.51 -4.96
N GLN A 294 -15.57 -18.44 -5.24
CA GLN A 294 -14.73 -19.63 -5.29
C GLN A 294 -13.51 -19.38 -4.44
N ARG A 295 -12.68 -20.40 -4.34
CA ARG A 295 -11.47 -20.31 -3.57
C ARG A 295 -10.39 -20.96 -4.40
N ILE A 296 -9.27 -20.28 -4.60
CA ILE A 296 -8.20 -20.89 -5.34
C ILE A 296 -7.49 -21.63 -4.21
N GLN A 297 -7.56 -22.96 -4.21
CA GLN A 297 -6.95 -23.72 -3.14
C GLN A 297 -5.45 -23.51 -3.08
N ASP A 298 -4.83 -23.45 -4.25
CA ASP A 298 -3.41 -23.24 -4.30
C ASP A 298 -3.01 -21.91 -3.67
N GLN A 299 -3.62 -20.81 -4.12
CA GLN A 299 -3.28 -19.48 -3.62
C GLN A 299 -4.05 -18.91 -2.44
N LYS A 300 -4.88 -19.75 -1.83
CA LYS A 300 -5.64 -19.39 -0.64
C LYS A 300 -6.28 -17.99 -0.56
N VAL A 301 -6.93 -17.57 -1.66
CA VAL A 301 -7.63 -16.28 -1.77
C VAL A 301 -8.87 -16.56 -2.59
N PRO A 302 -9.94 -15.77 -2.43
CA PRO A 302 -11.15 -16.05 -3.23
C PRO A 302 -11.35 -15.20 -4.48
N TYR A 303 -12.44 -15.48 -5.18
CA TYR A 303 -12.83 -14.70 -6.35
C TYR A 303 -14.32 -14.87 -6.54
N ILE A 304 -14.95 -13.94 -7.22
CA ILE A 304 -16.36 -14.02 -7.47
C ILE A 304 -16.65 -13.74 -8.93
N PHE A 305 -17.87 -14.08 -9.34
CA PHE A 305 -18.28 -13.84 -10.69
C PHE A 305 -19.80 -13.88 -10.85
N ARG A 306 -20.28 -13.12 -11.83
CA ARG A 306 -21.69 -13.01 -12.17
C ARG A 306 -21.71 -12.60 -13.64
N ASP A 307 -22.30 -13.45 -14.48
CA ASP A 307 -22.38 -13.21 -15.91
C ASP A 307 -20.96 -13.13 -16.46
N ASN A 308 -20.60 -11.97 -17.03
CA ASN A 308 -19.28 -11.80 -17.60
C ASN A 308 -18.28 -11.01 -16.73
N GLN A 309 -18.60 -10.86 -15.45
CA GLN A 309 -17.74 -10.15 -14.51
C GLN A 309 -16.95 -11.12 -13.61
N TRP A 310 -15.64 -10.92 -13.53
CA TRP A 310 -14.79 -11.79 -12.72
C TRP A 310 -13.81 -10.93 -11.90
N VAL A 311 -13.89 -11.00 -10.58
CA VAL A 311 -13.01 -10.21 -9.73
C VAL A 311 -12.29 -10.99 -8.65
N GLY A 312 -10.96 -10.86 -8.64
CA GLY A 312 -10.15 -11.52 -7.63
C GLY A 312 -9.94 -10.57 -6.47
N PHE A 313 -10.50 -10.88 -5.30
CA PHE A 313 -10.36 -10.02 -4.12
C PHE A 313 -9.85 -10.71 -2.85
N ASP A 314 -9.76 -9.95 -1.76
CA ASP A 314 -9.33 -10.47 -0.47
C ASP A 314 -10.47 -10.40 0.55
N ASP A 315 -10.62 -11.44 1.35
CA ASP A 315 -11.71 -11.44 2.31
C ASP A 315 -11.21 -11.62 3.74
N VAL A 316 -12.16 -11.77 4.68
CA VAL A 316 -11.83 -11.95 6.10
C VAL A 316 -10.98 -13.17 6.25
N GLU A 317 -11.38 -14.23 5.55
CA GLU A 317 -10.63 -15.46 5.62
C GLU A 317 -9.20 -15.34 5.10
N SER A 318 -9.05 -14.90 3.85
CA SER A 318 -7.71 -14.79 3.27
C SER A 318 -6.79 -13.87 4.10
N PHE A 319 -7.39 -12.88 4.77
CA PHE A 319 -6.63 -11.99 5.63
C PHE A 319 -6.15 -12.77 6.86
N LYS A 320 -7.00 -13.66 7.38
CA LYS A 320 -6.59 -14.46 8.53
C LYS A 320 -5.41 -15.37 8.14
N THR A 321 -5.51 -15.89 6.92
CA THR A 321 -4.50 -16.78 6.36
C THR A 321 -3.18 -16.05 6.14
N LYS A 322 -3.28 -14.79 5.69
CA LYS A 322 -2.08 -13.98 5.46
C LYS A 322 -1.38 -13.53 6.74
N VAL A 323 -2.17 -13.17 7.76
CA VAL A 323 -1.58 -12.75 9.02
C VAL A 323 -0.96 -13.97 9.64
N SER A 324 -1.61 -15.10 9.40
CA SER A 324 -1.12 -16.36 9.91
C SER A 324 0.24 -16.62 9.26
N TYR A 325 0.29 -16.47 7.93
CA TYR A 325 1.54 -16.68 7.22
C TYR A 325 2.67 -15.72 7.63
N LEU A 326 2.39 -14.41 7.71
CA LEU A 326 3.43 -13.46 8.08
C LEU A 326 3.98 -13.78 9.46
N LYS A 327 3.13 -14.32 10.32
CA LYS A 327 3.50 -14.69 11.69
C LYS A 327 4.56 -15.80 11.73
N GLN A 328 4.35 -16.84 10.92
CA GLN A 328 5.28 -17.95 10.82
C GLN A 328 6.58 -17.40 10.28
N LYS A 329 6.43 -16.46 9.34
CA LYS A 329 7.55 -15.82 8.68
C LYS A 329 8.28 -14.84 9.59
N GLY A 330 7.65 -14.53 10.74
CA GLY A 330 8.23 -13.61 11.69
C GLY A 330 8.32 -12.17 11.21
N LEU A 331 7.37 -11.75 10.36
CA LEU A 331 7.37 -10.37 9.85
C LEU A 331 6.90 -9.37 10.91
N GLY A 332 7.47 -8.17 10.87
CA GLY A 332 7.10 -7.12 11.81
C GLY A 332 5.63 -6.72 11.85
N GLY A 333 4.84 -7.18 10.88
CA GLY A 333 3.43 -6.85 10.89
C GLY A 333 2.75 -6.83 9.53
N ALA A 334 1.61 -6.16 9.47
CA ALA A 334 0.82 -6.02 8.25
C ALA A 334 0.59 -4.55 7.87
N MET A 335 0.52 -4.31 6.56
CA MET A 335 0.26 -3.01 5.99
C MET A 335 -1.02 -3.16 5.18
N VAL A 336 -1.87 -2.15 5.17
CA VAL A 336 -3.07 -2.28 4.39
C VAL A 336 -3.40 -1.04 3.60
N TRP A 337 -3.75 -1.31 2.34
CA TRP A 337 -4.16 -0.31 1.37
C TRP A 337 -5.59 -0.71 0.99
N ALA A 338 -6.57 0.10 1.36
CA ALA A 338 -6.43 1.35 2.09
C ALA A 338 -7.66 1.41 3.02
N LEU A 339 -7.61 2.23 4.07
CA LEU A 339 -8.73 2.30 5.03
C LEU A 339 -10.09 2.59 4.40
N ASP A 340 -10.08 3.48 3.41
CA ASP A 340 -11.33 3.87 2.74
C ASP A 340 -11.91 2.85 1.75
N LEU A 341 -11.18 1.76 1.49
CA LEU A 341 -11.67 0.75 0.55
C LEU A 341 -12.28 -0.45 1.27
N ASP A 342 -12.23 -0.42 2.58
CA ASP A 342 -12.80 -1.47 3.40
C ASP A 342 -14.25 -0.98 3.73
N ASP A 343 -15.16 -1.84 4.15
CA ASP A 343 -16.47 -1.29 4.53
C ASP A 343 -16.21 -0.60 5.89
N PHE A 344 -15.55 0.55 5.81
CA PHE A 344 -15.14 1.31 7.01
C PHE A 344 -16.27 1.76 7.96
N ALA A 345 -17.48 1.86 7.43
CA ALA A 345 -18.65 2.26 8.21
C ALA A 345 -19.78 1.21 8.33
N GLY A 346 -19.48 -0.06 8.03
CA GLY A 346 -20.46 -1.15 8.08
C GLY A 346 -21.70 -0.81 7.24
N PHE A 347 -21.49 -0.22 6.06
CA PHE A 347 -22.60 0.20 5.20
C PHE A 347 -22.93 -0.66 3.97
N SER A 348 -22.25 -1.77 3.83
CA SER A 348 -22.52 -2.60 2.66
C SER A 348 -22.44 -4.09 2.93
N CYS A 349 -21.43 -4.46 3.69
CA CYS A 349 -21.11 -5.86 3.98
C CYS A 349 -21.81 -6.56 5.16
N ASN A 350 -22.44 -5.80 6.06
CA ASN A 350 -23.09 -6.37 7.24
C ASN A 350 -22.10 -7.13 8.13
N GLN A 351 -20.91 -6.58 8.33
CA GLN A 351 -19.91 -7.23 9.16
C GLN A 351 -19.32 -6.21 10.10
N GLY A 352 -20.05 -5.11 10.28
CA GLY A 352 -19.62 -4.00 11.12
C GLY A 352 -18.64 -3.09 10.38
N ARG A 353 -17.98 -2.23 11.16
CA ARG A 353 -17.01 -1.27 10.66
C ARG A 353 -15.65 -1.95 10.45
N TYR A 354 -15.03 -1.70 9.30
CA TYR A 354 -13.72 -2.25 9.00
C TYR A 354 -13.64 -3.75 9.22
N PRO A 355 -14.44 -4.53 8.49
CA PRO A 355 -14.42 -5.98 8.63
C PRO A 355 -13.05 -6.60 8.42
N LEU A 356 -12.40 -6.22 7.32
CA LEU A 356 -11.08 -6.75 7.01
C LEU A 356 -10.00 -6.22 7.96
N ILE A 357 -9.89 -4.90 8.08
CA ILE A 357 -8.87 -4.36 8.95
C ILE A 357 -9.09 -4.74 10.42
N GLN A 358 -10.34 -4.84 10.86
CA GLN A 358 -10.63 -5.24 12.24
C GLN A 358 -10.11 -6.66 12.40
N THR A 359 -10.24 -7.44 11.34
CA THR A 359 -9.74 -8.81 11.28
C THR A 359 -8.22 -8.74 11.58
N LEU A 360 -7.51 -7.93 10.80
CA LEU A 360 -6.07 -7.73 10.96
C LEU A 360 -5.68 -7.37 12.42
N ARG A 361 -6.36 -6.38 12.97
CA ARG A 361 -6.09 -5.95 14.32
C ARG A 361 -6.19 -7.12 15.30
N GLN A 362 -7.26 -7.91 15.15
CA GLN A 362 -7.51 -9.08 15.99
C GLN A 362 -6.42 -10.14 15.85
N GLU A 363 -6.23 -10.67 14.65
CA GLU A 363 -5.22 -11.69 14.42
C GLU A 363 -3.83 -11.24 14.81
N LEU A 364 -3.47 -10.00 14.46
CA LEU A 364 -2.15 -9.47 14.76
C LEU A 364 -1.90 -9.25 16.23
N SER A 365 -2.82 -8.56 16.87
CA SER A 365 -2.72 -8.25 18.27
C SER A 365 -2.98 -9.55 19.03
C1 NAG B . -3.15 3.74 -6.20
C2 NAG B . -4.68 3.75 -6.26
C3 NAG B . -5.17 4.73 -7.34
C4 NAG B . -4.53 6.14 -7.15
C5 NAG B . -3.00 6.00 -7.10
C6 NAG B . -2.37 7.38 -6.84
C7 NAG B . -5.90 1.66 -5.67
C8 NAG B . -6.43 0.28 -6.06
N2 NAG B . -5.18 2.38 -6.56
O3 NAG B . -6.57 4.83 -7.24
O4 NAG B . -4.85 7.04 -8.22
O5 NAG B . -2.62 5.08 -6.03
O6 NAG B . -0.95 7.30 -6.88
O7 NAG B . -6.18 2.12 -4.56
C1 NA1 B . -6.11 7.66 -8.03
C2 NA1 B . -6.11 8.97 -8.83
C3 NA1 B . -7.48 9.66 -8.77
C4 NA1 B . -8.57 8.68 -9.23
C5 NA1 B . -8.49 7.39 -8.40
C6 NA1 B . -9.59 6.41 -8.85
C7 NA1 B . -3.96 10.20 -9.02
C8 NA1 B . -2.97 11.13 -8.31
N2 NA1 B . -5.04 9.87 -8.31
O3 NA1 B . -7.74 10.04 -7.41
O4 NA1 B . -9.86 9.27 -9.08
O5 NA1 B . -7.17 6.79 -8.54
O6 NA1 B . -9.48 5.13 -8.15
C9 NA1 B . -9.78 5.26 -6.75
O7 NA1 B . -3.74 9.81 -10.17
C1 ALI C . 0.13 1.17 -3.72
C2 ALI C . 0.72 2.55 -4.08
C3 ALI C . -0.47 3.45 -4.39
C4 ALI C . -1.50 2.51 -5.01
C5 ALI C . -1.35 1.36 -4.03
C6 ALI C . -2.09 0.08 -4.45
C7 ALI C . 1.11 2.05 -1.90
C8 ALI C . 1.29 1.07 0.32
N2 ALI C . 1.38 2.93 -2.84
N7 ALI C . 1.64 2.10 -0.67
O3 ALI C . -0.08 4.43 -5.35
O4 ALI C . -2.83 2.99 -5.02
O6 ALI C . -1.58 -0.37 -5.70
O7 ALI C . 0.29 1.04 -2.27
#